data_8ZH5
#
_entry.id   8ZH5
#
_cell.length_a   166.283
_cell.length_b   166.283
_cell.length_c   64.503
_cell.angle_alpha   90.000
_cell.angle_beta   90.000
_cell.angle_gamma   90.000
#
_symmetry.space_group_name_H-M   'P 43 21 2'
#
loop_
_entity.id
_entity.type
_entity.pdbx_description
1 polymer 'Rho-associated protein kinase 1'
2 water water
#
_entity_poly.entity_id   1
_entity_poly.type   'polypeptide(L)'
_entity_poly.pdbx_seq_one_letter_code
;SLHMSFETRFEKMDNLLRDPKSEVNSDCLLDGLDALVYDLDFPALRKNKNIDNFLSRYKDTINKIRDLRMKAEDYEVVKV
IGRGAFGEVQLVRHKSTRKVYAMKLLSKFEMIKRSDSAFFWEERDIMAFANSPWVVQLFYAFQDDRYLYMVMEYMPGGDL
VNLMSNYDVPEKWARFYTAEVVLALDAIHSMGFIHRDVKPDNMLLDKSGHLKLADFGTCMKMNKEGMVRCDTAVGTPDYI
SPEVLKSQGGDGYYGRECDWWSVGVFLYEMLVGDTPFYADSLVGTYSKIMNHKNSLTFPDDNDISKEAKNLICAFLTDRE
VRLGRNGVEEIKRHLFFKNDQWAWETLRDTVAPVVPDLSSDIDTSNFDDLEEDKGEEETFPIPKAFVGNQLPFVGFTYYS
NRRYLSSANPNDNR
;
_entity_poly.pdbx_strand_id   A
#
# COMPACT_ATOMS: atom_id res chain seq x y z
N HIS A 3 -29.76 21.93 14.38
CA HIS A 3 -30.93 21.97 15.30
C HIS A 3 -30.84 20.80 16.29
N MET A 4 -29.97 20.96 17.29
CA MET A 4 -29.76 19.95 18.33
C MET A 4 -29.64 20.67 19.66
N SER A 5 -29.46 19.91 20.75
CA SER A 5 -29.22 20.47 22.07
C SER A 5 -27.72 20.69 22.27
N PHE A 6 -27.36 21.75 23.00
CA PHE A 6 -25.97 22.10 23.28
C PHE A 6 -25.20 20.86 23.74
N GLU A 7 -25.81 20.09 24.65
CA GLU A 7 -25.17 18.95 25.27
C GLU A 7 -24.71 17.95 24.20
N THR A 8 -25.61 17.60 23.27
CA THR A 8 -25.33 16.59 22.26
C THR A 8 -24.36 17.12 21.20
N ARG A 9 -24.44 18.43 20.90
CA ARG A 9 -23.53 19.05 19.95
C ARG A 9 -22.10 19.01 20.48
N PHE A 10 -21.94 19.37 21.76
CA PHE A 10 -20.63 19.49 22.38
C PHE A 10 -19.98 18.12 22.47
N GLU A 11 -20.81 17.07 22.68
CA GLU A 11 -20.33 15.70 22.73
C GLU A 11 -19.71 15.29 21.40
N LYS A 12 -20.43 15.57 20.30
CA LYS A 12 -20.05 15.10 18.98
C LYS A 12 -18.77 15.77 18.51
N MET A 13 -18.50 16.99 19.00
CA MET A 13 -17.27 17.69 18.69
C MET A 13 -16.08 16.95 19.29
N ASP A 14 -16.24 16.43 20.51
CA ASP A 14 -15.17 15.74 21.21
C ASP A 14 -14.89 14.41 20.53
N ASN A 15 -15.92 13.81 19.92
CA ASN A 15 -15.79 12.55 19.20
C ASN A 15 -15.01 12.76 17.90
N LEU A 16 -15.26 13.90 17.23
CA LEU A 16 -14.59 14.21 15.97
C LEU A 16 -13.11 14.52 16.20
N LEU A 17 -12.76 14.91 17.43
CA LEU A 17 -11.38 15.27 17.78
C LEU A 17 -10.63 14.05 18.30
N ARG A 18 -11.35 12.93 18.53
CA ARG A 18 -10.75 11.71 19.04
C ARG A 18 -10.71 10.63 17.96
N ASP A 19 -11.86 10.42 17.29
CA ASP A 19 -12.00 9.42 16.26
C ASP A 19 -10.78 9.48 15.33
N PRO A 20 -9.95 8.42 15.25
CA PRO A 20 -8.70 8.48 14.48
C PRO A 20 -8.94 8.60 12.98
N LYS A 21 -10.14 8.21 12.54
CA LYS A 21 -10.51 8.23 11.13
C LYS A 21 -10.84 9.65 10.68
N SER A 22 -11.16 10.54 11.63
CA SER A 22 -11.56 11.90 11.30
C SER A 22 -10.36 12.72 10.82
N GLU A 23 -10.64 13.69 9.94
CA GLU A 23 -9.62 14.56 9.37
C GLU A 23 -9.42 15.78 10.26
N VAL A 24 -10.28 15.92 11.29
CA VAL A 24 -10.14 16.96 12.29
C VAL A 24 -9.66 16.33 13.61
N ASN A 25 -9.00 15.18 13.51
CA ASN A 25 -8.32 14.57 14.64
C ASN A 25 -7.30 15.58 15.17
N SER A 26 -7.12 15.61 16.49
CA SER A 26 -6.24 16.59 17.12
C SER A 26 -4.79 16.43 16.65
N ASP A 27 -4.46 15.25 16.12
CA ASP A 27 -3.16 15.04 15.48
C ASP A 27 -3.16 15.67 14.09
N CYS A 28 -4.31 15.64 13.40
CA CYS A 28 -4.44 16.23 12.07
C CYS A 28 -4.35 17.76 12.12
N LEU A 29 -4.77 18.36 13.25
CA LEU A 29 -4.88 19.80 13.36
C LEU A 29 -3.50 20.43 13.56
N LEU A 30 -2.60 19.72 14.25
CA LEU A 30 -1.24 20.21 14.48
C LEU A 30 -0.49 20.30 13.16
N ASP A 31 -0.80 19.39 12.22
CA ASP A 31 -0.21 19.43 10.89
C ASP A 31 -0.57 20.74 10.20
N GLY A 32 -1.84 21.16 10.35
CA GLY A 32 -2.35 22.38 9.73
C GLY A 32 -1.65 23.64 10.25
N LEU A 33 -1.27 23.61 11.54
CA LEU A 33 -0.55 24.72 12.14
C LEU A 33 0.91 24.70 11.69
N ASP A 34 1.50 23.50 11.64
CA ASP A 34 2.90 23.34 11.28
C ASP A 34 3.10 23.70 9.81
N ALA A 35 2.09 23.41 8.98
CA ALA A 35 2.14 23.68 7.55
C ALA A 35 2.09 25.18 7.27
N LEU A 36 1.44 25.93 8.17
CA LEU A 36 1.44 27.39 8.10
C LEU A 36 2.84 27.93 8.37
N VAL A 37 3.43 27.52 9.51
CA VAL A 37 4.70 28.04 9.96
C VAL A 37 5.78 27.73 8.92
N TYR A 38 5.72 26.53 8.33
CA TYR A 38 6.67 26.14 7.30
C TYR A 38 6.54 27.06 6.09
N ASP A 39 5.30 27.33 5.66
CA ASP A 39 5.04 28.01 4.40
C ASP A 39 4.82 29.51 4.59
N LEU A 40 5.17 30.05 5.76
CA LEU A 40 5.07 31.49 6.00
C LEU A 40 6.40 32.05 6.49
N ASP A 41 7.19 31.25 7.22
CA ASP A 41 8.47 31.71 7.73
C ASP A 41 9.44 31.90 6.56
N PHE A 42 9.27 33.03 5.85
CA PHE A 42 10.15 33.45 4.79
C PHE A 42 10.33 34.96 4.91
N PRO A 43 11.58 35.48 5.03
CA PRO A 43 11.81 36.92 5.18
C PRO A 43 10.99 37.80 4.25
N ALA A 44 10.70 37.29 3.04
CA ALA A 44 9.91 38.00 2.05
C ALA A 44 8.45 38.13 2.50
N LEU A 45 7.88 37.04 3.02
CA LEU A 45 6.48 37.02 3.42
C LEU A 45 6.30 37.65 4.80
N ARG A 46 7.40 37.70 5.59
CA ARG A 46 7.33 38.14 6.97
C ARG A 46 7.31 39.68 7.05
N LYS A 47 7.37 40.35 5.89
CA LYS A 47 7.17 41.79 5.80
C LYS A 47 5.75 42.15 6.20
N ASN A 48 4.79 41.32 5.75
CA ASN A 48 3.40 41.45 6.17
C ASN A 48 3.35 41.33 7.68
N LYS A 49 2.63 42.24 8.33
CA LYS A 49 2.67 42.41 9.77
C LYS A 49 1.94 41.25 10.44
N ASN A 50 0.70 41.00 10.02
CA ASN A 50 -0.13 39.95 10.56
C ASN A 50 0.66 38.65 10.69
N ILE A 51 1.34 38.29 9.59
CA ILE A 51 2.16 37.09 9.51
C ILE A 51 3.32 37.22 10.50
N ASP A 52 4.00 38.37 10.48
CA ASP A 52 5.15 38.60 11.34
C ASP A 52 4.80 38.29 12.79
N ASN A 53 3.63 38.78 13.23
CA ASN A 53 3.22 38.69 14.63
C ASN A 53 2.74 37.28 14.95
N PHE A 54 1.89 36.72 14.09
CA PHE A 54 1.39 35.35 14.26
C PHE A 54 2.58 34.41 14.41
N LEU A 55 3.56 34.51 13.50
CA LEU A 55 4.72 33.65 13.51
C LEU A 55 5.49 33.82 14.82
N SER A 56 5.76 35.09 15.19
CA SER A 56 6.50 35.41 16.39
C SER A 56 5.85 34.76 17.62
N ARG A 57 4.52 34.87 17.71
CA ARG A 57 3.77 34.39 18.86
C ARG A 57 3.91 32.88 19.01
N TYR A 58 3.81 32.15 17.90
CA TYR A 58 3.74 30.69 17.92
C TYR A 58 5.12 30.07 17.69
N LYS A 59 6.15 30.89 17.39
CA LYS A 59 7.43 30.36 16.98
C LYS A 59 8.04 29.49 18.08
N ASP A 60 8.07 30.03 19.31
CA ASP A 60 8.67 29.33 20.43
C ASP A 60 7.83 28.11 20.81
N THR A 61 6.52 28.16 20.52
CA THR A 61 5.61 27.06 20.78
C THR A 61 5.92 25.91 19.82
N ILE A 62 5.76 26.17 18.51
CA ILE A 62 5.85 25.14 17.48
C ILE A 62 7.25 24.53 17.46
N ASN A 63 8.27 25.33 17.82
CA ASN A 63 9.63 24.82 17.90
C ASN A 63 9.74 23.75 18.99
N LYS A 64 8.94 23.89 20.06
CA LYS A 64 8.88 22.90 21.13
C LYS A 64 8.10 21.68 20.67
N ILE A 65 7.04 21.89 19.88
CA ILE A 65 6.15 20.82 19.46
C ILE A 65 6.87 19.88 18.51
N ARG A 66 7.71 20.44 17.64
CA ARG A 66 8.46 19.66 16.65
C ARG A 66 9.38 18.66 17.36
N ASP A 67 9.94 19.05 18.51
CA ASP A 67 10.86 18.22 19.27
C ASP A 67 10.14 16.99 19.84
N LEU A 68 8.86 17.16 20.20
CA LEU A 68 8.14 16.17 20.99
C LEU A 68 7.37 15.19 20.10
N ARG A 69 6.73 15.71 19.04
CA ARG A 69 6.07 14.88 18.05
C ARG A 69 7.10 13.97 17.37
N MET A 70 6.60 12.90 16.74
CA MET A 70 7.47 11.92 16.11
C MET A 70 8.20 12.57 14.94
N LYS A 71 9.51 12.31 14.86
CA LYS A 71 10.39 12.96 13.91
C LYS A 71 11.34 11.92 13.32
N ALA A 72 12.03 12.31 12.24
CA ALA A 72 12.91 11.41 11.51
C ALA A 72 14.11 11.00 12.36
N GLU A 73 14.47 11.84 13.33
CA GLU A 73 15.69 11.66 14.11
C GLU A 73 15.50 10.59 15.19
N ASP A 74 14.24 10.15 15.39
CA ASP A 74 13.94 9.10 16.35
C ASP A 74 14.37 7.74 15.80
N TYR A 75 14.46 7.60 14.47
CA TYR A 75 14.73 6.34 13.82
C TYR A 75 16.09 6.39 13.12
N GLU A 76 16.96 5.42 13.45
CA GLU A 76 18.24 5.26 12.79
C GLU A 76 18.07 4.30 11.62
N VAL A 77 18.72 4.63 10.49
CA VAL A 77 18.52 3.92 9.23
C VAL A 77 19.48 2.73 9.18
N VAL A 78 18.92 1.52 9.15
CA VAL A 78 19.69 0.29 9.05
C VAL A 78 20.14 0.12 7.59
N LYS A 79 19.15 -0.04 6.69
CA LYS A 79 19.44 -0.27 5.28
C LYS A 79 18.23 0.14 4.43
N VAL A 80 18.46 0.29 3.13
CA VAL A 80 17.41 0.59 2.16
C VAL A 80 16.96 -0.71 1.52
N ILE A 81 15.72 -1.14 1.82
CA ILE A 81 15.24 -2.44 1.39
C ILE A 81 14.45 -2.32 0.08
N GLY A 82 14.32 -1.11 -0.45
CA GLY A 82 13.64 -0.91 -1.72
C GLY A 82 13.55 0.56 -2.10
N ARG A 83 13.41 0.81 -3.42
CA ARG A 83 13.21 2.14 -3.95
C ARG A 83 12.06 2.12 -4.95
N GLY A 84 11.60 3.31 -5.33
CA GLY A 84 10.54 3.44 -6.32
C GLY A 84 10.44 4.88 -6.82
N ALA A 85 9.30 5.21 -7.45
CA ALA A 85 9.04 6.56 -7.91
C ALA A 85 8.48 7.39 -6.75
N PHE A 86 9.16 8.52 -6.47
CA PHE A 86 8.72 9.50 -5.49
C PHE A 86 9.17 9.12 -4.08
N GLY A 87 10.14 8.21 -3.94
CA GLY A 87 10.67 7.90 -2.62
C GLY A 87 11.25 6.50 -2.51
N GLU A 88 11.49 6.06 -1.28
CA GLU A 88 12.17 4.80 -0.99
C GLU A 88 11.63 4.21 0.30
N VAL A 89 12.11 3.01 0.66
CA VAL A 89 11.71 2.34 1.88
C VAL A 89 12.97 1.87 2.61
N GLN A 90 12.97 2.03 3.94
CA GLN A 90 14.14 1.79 4.77
C GLN A 90 13.76 0.90 5.94
N LEU A 91 14.65 -0.05 6.26
CA LEU A 91 14.59 -0.77 7.52
C LEU A 91 15.09 0.18 8.61
N VAL A 92 14.27 0.38 9.65
CA VAL A 92 14.57 1.35 10.70
C VAL A 92 14.48 0.68 12.06
N ARG A 93 15.15 1.29 13.04
CA ARG A 93 15.06 0.88 14.44
C ARG A 93 14.76 2.12 15.27
N HIS A 94 13.68 2.05 16.07
CA HIS A 94 13.31 3.13 16.97
C HIS A 94 14.38 3.22 18.06
N LYS A 95 14.95 4.41 18.23
CA LYS A 95 16.09 4.61 19.12
C LYS A 95 15.70 4.27 20.57
N SER A 96 14.51 4.70 20.99
CA SER A 96 14.08 4.57 22.38
C SER A 96 13.57 3.17 22.67
N THR A 97 12.57 2.73 21.89
CA THR A 97 11.86 1.48 22.16
C THR A 97 12.69 0.28 21.69
N ARG A 98 13.61 0.51 20.74
CA ARG A 98 14.45 -0.54 20.19
C ARG A 98 13.57 -1.58 19.49
N LYS A 99 12.87 -1.14 18.43
CA LYS A 99 11.98 -1.99 17.66
C LYS A 99 12.19 -1.71 16.18
N VAL A 100 12.21 -2.78 15.38
CA VAL A 100 12.46 -2.66 13.94
C VAL A 100 11.15 -2.44 13.21
N TYR A 101 11.18 -1.53 12.22
CA TYR A 101 10.03 -1.26 11.37
C TYR A 101 10.53 -1.02 9.95
N ALA A 102 9.58 -0.94 9.00
CA ALA A 102 9.87 -0.57 7.63
C ALA A 102 9.26 0.80 7.36
N MET A 103 10.10 1.78 7.02
CA MET A 103 9.67 3.16 6.94
C MET A 103 9.75 3.67 5.50
N LYS A 104 8.58 4.02 4.95
CA LYS A 104 8.47 4.50 3.58
C LYS A 104 8.53 6.02 3.57
N LEU A 105 9.45 6.57 2.76
CA LEU A 105 9.57 8.02 2.57
C LEU A 105 8.91 8.41 1.25
N LEU A 106 8.52 9.69 1.14
CA LEU A 106 7.98 10.24 -0.09
C LEU A 106 8.42 11.70 -0.24
N SER A 107 9.27 11.96 -1.24
CA SER A 107 9.80 13.28 -1.49
C SER A 107 8.66 14.26 -1.78
N LYS A 108 8.52 15.27 -0.92
CA LYS A 108 7.51 16.30 -1.09
C LYS A 108 7.79 17.09 -2.37
N PHE A 109 9.07 17.32 -2.66
CA PHE A 109 9.48 18.11 -3.81
C PHE A 109 9.02 17.44 -5.10
N GLU A 110 9.32 16.14 -5.24
CA GLU A 110 9.02 15.40 -6.46
C GLU A 110 7.52 15.30 -6.68
N MET A 111 6.76 15.13 -5.58
CA MET A 111 5.30 15.05 -5.66
C MET A 111 4.73 16.36 -6.18
N ILE A 112 5.23 17.49 -5.65
CA ILE A 112 4.78 18.81 -6.05
C ILE A 112 5.29 19.13 -7.46
N LYS A 113 6.55 18.77 -7.74
CA LYS A 113 7.19 19.07 -9.01
C LYS A 113 6.36 18.53 -10.18
N ARG A 114 5.85 17.31 -10.03
CA ARG A 114 5.19 16.60 -11.12
C ARG A 114 3.67 16.60 -10.92
N SER A 115 3.17 17.47 -10.03
CA SER A 115 1.74 17.66 -9.83
C SER A 115 1.06 16.32 -9.54
N ASP A 116 1.45 15.68 -8.43
CA ASP A 116 0.93 14.38 -8.03
C ASP A 116 1.04 14.26 -6.52
N SER A 117 -0.10 14.43 -5.83
CA SER A 117 -0.12 14.49 -4.37
C SER A 117 -1.12 13.51 -3.77
N ALA A 118 -2.32 13.41 -4.35
CA ALA A 118 -3.43 12.69 -3.73
C ALA A 118 -3.43 11.22 -4.15
N PHE A 119 -2.37 10.49 -3.78
CA PHE A 119 -2.29 9.05 -4.04
C PHE A 119 -2.06 8.29 -2.74
N PHE A 120 -1.37 8.90 -1.77
CA PHE A 120 -1.03 8.24 -0.52
C PHE A 120 -2.28 8.08 0.35
N TRP A 121 -3.25 9.00 0.21
CA TRP A 121 -4.42 9.04 1.08
C TRP A 121 -5.06 7.65 1.22
N GLU A 122 -5.29 7.00 0.07
CA GLU A 122 -5.96 5.71 0.03
C GLU A 122 -5.08 4.64 0.69
N GLU A 123 -3.76 4.72 0.49
CA GLU A 123 -2.83 3.78 1.09
C GLU A 123 -2.89 3.88 2.61
N ARG A 124 -2.91 5.13 3.11
CA ARG A 124 -2.98 5.41 4.53
C ARG A 124 -4.27 4.83 5.12
N ASP A 125 -5.42 5.18 4.51
CA ASP A 125 -6.72 4.74 4.97
C ASP A 125 -6.73 3.23 5.17
N ILE A 126 -6.16 2.50 4.21
CA ILE A 126 -6.23 1.04 4.19
C ILE A 126 -5.29 0.48 5.27
N MET A 127 -4.00 0.78 5.17
CA MET A 127 -3.00 0.16 6.03
C MET A 127 -3.34 0.35 7.50
N ALA A 128 -3.86 1.54 7.86
CA ALA A 128 -4.13 1.87 9.24
C ALA A 128 -5.35 1.09 9.75
N PHE A 129 -6.46 1.19 9.00
CA PHE A 129 -7.77 0.80 9.50
C PHE A 129 -8.14 -0.63 9.09
N ALA A 130 -7.51 -1.16 8.04
CA ALA A 130 -7.80 -2.50 7.56
C ALA A 130 -7.84 -3.48 8.75
N ASN A 131 -6.77 -3.45 9.55
CA ASN A 131 -6.73 -4.17 10.82
C ASN A 131 -7.06 -5.64 10.59
N SER A 132 -6.42 -6.24 9.57
CA SER A 132 -6.55 -7.66 9.29
C SER A 132 -5.15 -8.28 9.27
N PRO A 133 -5.03 -9.62 9.25
CA PRO A 133 -3.73 -10.29 9.22
C PRO A 133 -3.20 -10.49 7.79
N TRP A 134 -3.90 -9.93 6.81
CA TRP A 134 -3.54 -10.07 5.41
C TRP A 134 -2.97 -8.76 4.87
N VAL A 135 -2.95 -7.70 5.69
CA VAL A 135 -2.57 -6.37 5.23
C VAL A 135 -1.47 -5.83 6.15
N VAL A 136 -0.42 -5.28 5.53
CA VAL A 136 0.70 -4.72 6.27
C VAL A 136 0.20 -3.46 7.00
N GLN A 137 0.34 -3.47 8.32
CA GLN A 137 -0.31 -2.49 9.18
C GLN A 137 0.59 -1.27 9.36
N LEU A 138 -0.04 -0.09 9.38
CA LEU A 138 0.63 1.17 9.62
C LEU A 138 0.45 1.55 11.09
N PHE A 139 1.57 1.71 11.80
CA PHE A 139 1.55 2.05 13.21
C PHE A 139 1.58 3.57 13.38
N TYR A 140 2.61 4.21 12.83
CA TYR A 140 2.76 5.65 12.92
C TYR A 140 2.97 6.23 11.51
N ALA A 141 2.49 7.46 11.32
CA ALA A 141 2.75 8.25 10.13
C ALA A 141 2.94 9.70 10.53
N PHE A 142 3.93 10.38 9.93
CA PHE A 142 4.29 11.73 10.31
C PHE A 142 4.96 12.46 9.14
N GLN A 143 4.78 13.79 9.12
CA GLN A 143 5.28 14.64 8.06
C GLN A 143 6.60 15.27 8.47
N ASP A 144 7.19 16.06 7.56
CA ASP A 144 8.46 16.73 7.77
C ASP A 144 8.47 17.96 6.86
N ASP A 145 9.58 18.71 6.92
CA ASP A 145 9.78 19.86 6.05
C ASP A 145 9.75 19.42 4.58
N ARG A 146 10.17 18.17 4.30
CA ARG A 146 10.44 17.77 2.92
C ARG A 146 10.22 16.27 2.67
N TYR A 147 9.57 15.55 3.60
CA TYR A 147 9.36 14.11 3.44
C TYR A 147 8.14 13.66 4.26
N LEU A 148 7.34 12.77 3.67
CA LEU A 148 6.30 12.05 4.38
C LEU A 148 6.87 10.70 4.83
N TYR A 149 6.51 10.25 6.04
CA TYR A 149 7.01 9.01 6.59
C TYR A 149 5.84 8.08 6.90
N MET A 150 6.04 6.78 6.64
CA MET A 150 5.08 5.76 7.02
C MET A 150 5.82 4.61 7.70
N VAL A 151 5.65 4.51 9.03
CA VAL A 151 6.26 3.46 9.82
C VAL A 151 5.30 2.27 9.86
N MET A 152 5.74 1.15 9.28
CA MET A 152 4.92 -0.05 9.16
C MET A 152 5.78 -1.28 9.42
N GLU A 153 5.12 -2.39 9.79
CA GLU A 153 5.80 -3.58 10.25
C GLU A 153 6.74 -4.10 9.17
N TYR A 154 7.90 -4.60 9.61
CA TYR A 154 8.90 -5.16 8.72
C TYR A 154 8.45 -6.55 8.27
N MET A 155 8.45 -6.77 6.95
CA MET A 155 8.13 -8.06 6.36
C MET A 155 9.42 -8.69 5.85
N PRO A 156 10.13 -9.50 6.65
CA PRO A 156 11.49 -9.94 6.31
C PRO A 156 11.62 -11.06 5.28
N GLY A 157 10.48 -11.58 4.80
CA GLY A 157 10.47 -12.67 3.84
C GLY A 157 10.61 -12.21 2.40
N GLY A 158 10.43 -10.90 2.16
CA GLY A 158 10.54 -10.32 0.84
C GLY A 158 9.27 -10.55 0.02
N ASP A 159 9.27 -10.05 -1.23
CA ASP A 159 8.14 -10.19 -2.13
C ASP A 159 8.16 -11.59 -2.73
N LEU A 160 7.19 -11.90 -3.59
CA LEU A 160 7.12 -13.19 -4.25
C LEU A 160 7.95 -13.17 -5.53
N VAL A 161 8.32 -11.98 -6.02
CA VAL A 161 9.10 -11.84 -7.23
C VAL A 161 10.43 -12.59 -7.05
N ASN A 162 11.07 -12.37 -5.89
CA ASN A 162 12.35 -13.00 -5.60
C ASN A 162 12.14 -14.49 -5.31
N LEU A 163 11.01 -14.84 -4.68
CA LEU A 163 10.69 -16.23 -4.38
C LEU A 163 10.63 -17.02 -5.69
N MET A 164 9.75 -16.60 -6.60
CA MET A 164 9.51 -17.31 -7.85
C MET A 164 10.82 -17.45 -8.63
N SER A 165 11.70 -16.44 -8.55
CA SER A 165 12.94 -16.43 -9.30
C SER A 165 13.95 -17.41 -8.68
N ASN A 166 13.83 -17.69 -7.38
CA ASN A 166 14.81 -18.52 -6.69
C ASN A 166 14.27 -19.93 -6.44
N TYR A 167 13.12 -20.27 -7.04
CA TYR A 167 12.51 -21.58 -6.82
C TYR A 167 11.74 -22.03 -8.05
N ASP A 168 11.73 -23.35 -8.27
CA ASP A 168 10.81 -23.99 -9.20
C ASP A 168 9.50 -24.25 -8.46
N VAL A 169 8.53 -23.35 -8.64
CA VAL A 169 7.31 -23.35 -7.85
C VAL A 169 6.42 -24.53 -8.27
N PRO A 170 6.15 -25.50 -7.35
CA PRO A 170 5.21 -26.59 -7.64
C PRO A 170 3.78 -26.11 -7.40
N GLU A 171 2.79 -26.94 -7.79
CA GLU A 171 1.41 -26.54 -7.64
C GLU A 171 1.07 -26.36 -6.15
N LYS A 172 1.62 -27.23 -5.30
CA LYS A 172 1.32 -27.22 -3.88
C LYS A 172 1.56 -25.84 -3.29
N TRP A 173 2.61 -25.15 -3.77
CA TRP A 173 2.95 -23.82 -3.34
C TRP A 173 2.01 -22.79 -3.95
N ALA A 174 1.68 -22.98 -5.24
CA ALA A 174 0.82 -22.05 -5.97
C ALA A 174 -0.58 -22.05 -5.38
N ARG A 175 -1.03 -23.23 -4.93
CA ARG A 175 -2.32 -23.37 -4.27
C ARG A 175 -2.38 -22.48 -3.03
N PHE A 176 -1.29 -22.49 -2.25
CA PHE A 176 -1.20 -21.78 -0.98
C PHE A 176 -1.16 -20.27 -1.22
N TYR A 177 -0.16 -19.81 -1.99
CA TYR A 177 0.08 -18.38 -2.16
C TYR A 177 -1.10 -17.73 -2.89
N THR A 178 -1.82 -18.50 -3.70
CA THR A 178 -3.03 -18.02 -4.35
C THR A 178 -4.12 -17.80 -3.31
N ALA A 179 -4.30 -18.79 -2.42
CA ALA A 179 -5.35 -18.75 -1.42
C ALA A 179 -5.18 -17.53 -0.51
N GLU A 180 -3.93 -17.28 -0.07
CA GLU A 180 -3.66 -16.20 0.87
C GLU A 180 -3.86 -14.84 0.21
N VAL A 181 -3.69 -14.79 -1.12
CA VAL A 181 -4.00 -13.59 -1.88
C VAL A 181 -5.52 -13.41 -1.92
N VAL A 182 -6.24 -14.50 -2.23
CA VAL A 182 -7.69 -14.44 -2.41
C VAL A 182 -8.37 -13.92 -1.15
N LEU A 183 -7.86 -14.30 0.02
CA LEU A 183 -8.39 -13.84 1.30
C LEU A 183 -8.03 -12.37 1.51
N ALA A 184 -6.75 -12.04 1.30
CA ALA A 184 -6.25 -10.69 1.46
C ALA A 184 -7.09 -9.70 0.64
N LEU A 185 -7.38 -10.09 -0.60
CA LEU A 185 -8.01 -9.20 -1.55
C LEU A 185 -9.49 -9.02 -1.19
N ASP A 186 -10.09 -10.03 -0.56
CA ASP A 186 -11.48 -9.97 -0.11
C ASP A 186 -11.59 -9.01 1.08
N ALA A 187 -10.57 -9.01 1.94
CA ALA A 187 -10.56 -8.14 3.11
C ALA A 187 -10.63 -6.67 2.68
N ILE A 188 -9.88 -6.33 1.63
CA ILE A 188 -9.84 -4.97 1.10
C ILE A 188 -11.18 -4.64 0.46
N HIS A 189 -11.82 -5.62 -0.19
CA HIS A 189 -13.12 -5.42 -0.80
C HIS A 189 -14.18 -5.16 0.26
N SER A 190 -14.02 -5.78 1.44
CA SER A 190 -14.98 -5.64 2.53
C SER A 190 -14.94 -4.23 3.12
N MET A 191 -13.79 -3.56 2.99
CA MET A 191 -13.64 -2.18 3.43
C MET A 191 -14.36 -1.24 2.46
N GLY A 192 -14.42 -1.65 1.19
CA GLY A 192 -15.05 -0.86 0.15
C GLY A 192 -14.03 -0.17 -0.75
N PHE A 193 -12.91 -0.87 -1.02
CA PHE A 193 -11.86 -0.39 -1.90
C PHE A 193 -11.59 -1.46 -2.96
N ILE A 194 -11.10 -1.02 -4.13
CA ILE A 194 -10.77 -1.92 -5.22
C ILE A 194 -9.33 -1.67 -5.64
N HIS A 195 -8.45 -2.62 -5.29
CA HIS A 195 -7.04 -2.59 -5.66
C HIS A 195 -6.94 -2.78 -7.17
N ARG A 196 -5.94 -2.15 -7.80
CA ARG A 196 -5.67 -2.36 -9.21
C ARG A 196 -4.19 -2.70 -9.40
N ASP A 197 -3.91 -3.50 -10.43
CA ASP A 197 -2.56 -3.95 -10.74
C ASP A 197 -2.01 -4.70 -9.52
N VAL A 198 -2.73 -5.74 -9.10
CA VAL A 198 -2.30 -6.59 -8.00
C VAL A 198 -1.17 -7.48 -8.52
N LYS A 199 0.07 -7.10 -8.18
CA LYS A 199 1.25 -7.69 -8.77
C LYS A 199 1.98 -8.52 -7.71
N PRO A 200 2.81 -9.52 -8.10
CA PRO A 200 3.72 -10.19 -7.15
C PRO A 200 4.64 -9.24 -6.40
N ASP A 201 4.77 -8.01 -6.92
CA ASP A 201 5.59 -6.96 -6.32
C ASP A 201 5.00 -6.55 -4.98
N ASN A 202 3.66 -6.53 -4.89
CA ASN A 202 2.93 -6.07 -3.72
C ASN A 202 2.97 -7.12 -2.61
N MET A 203 2.97 -8.41 -2.99
CA MET A 203 2.77 -9.50 -2.06
C MET A 203 4.05 -9.75 -1.27
N LEU A 204 4.01 -9.48 0.03
CA LEU A 204 5.17 -9.64 0.90
C LEU A 204 4.95 -10.83 1.83
N LEU A 205 6.05 -11.29 2.45
CA LEU A 205 6.02 -12.48 3.30
C LEU A 205 6.48 -12.12 4.71
N ASP A 206 5.73 -12.58 5.71
CA ASP A 206 6.03 -12.33 7.11
C ASP A 206 7.10 -13.32 7.58
N LYS A 207 7.38 -13.30 8.89
CA LYS A 207 8.42 -14.12 9.48
C LYS A 207 8.07 -15.60 9.36
N SER A 208 6.78 -15.93 9.50
CA SER A 208 6.30 -17.29 9.44
C SER A 208 6.40 -17.83 8.01
N GLY A 209 6.34 -16.93 7.03
CA GLY A 209 6.36 -17.29 5.62
C GLY A 209 5.01 -17.05 4.94
N HIS A 210 4.04 -16.55 5.72
CA HIS A 210 2.71 -16.25 5.24
C HIS A 210 2.69 -14.87 4.58
N LEU A 211 1.59 -14.57 3.89
CA LEU A 211 1.54 -13.43 2.97
C LEU A 211 0.78 -12.27 3.60
N LYS A 212 1.20 -11.05 3.24
CA LYS A 212 0.46 -9.82 3.52
C LYS A 212 0.64 -8.86 2.35
N LEU A 213 -0.43 -8.16 1.97
CA LEU A 213 -0.40 -7.22 0.86
C LEU A 213 0.07 -5.86 1.34
N ALA A 214 0.56 -5.04 0.39
CA ALA A 214 1.11 -3.72 0.70
C ALA A 214 1.20 -2.88 -0.57
N ASP A 215 1.65 -1.62 -0.40
CA ASP A 215 2.01 -0.75 -1.50
C ASP A 215 0.76 -0.47 -2.34
N PHE A 216 -0.27 0.06 -1.68
CA PHE A 216 -1.60 0.15 -2.26
C PHE A 216 -1.74 1.41 -3.10
N GLY A 217 -1.09 1.41 -4.27
CA GLY A 217 -1.31 2.42 -5.28
C GLY A 217 -2.45 2.00 -6.22
N THR A 218 -2.96 2.98 -6.99
CA THR A 218 -4.05 2.77 -7.92
C THR A 218 -5.26 2.18 -7.19
N CYS A 219 -5.46 2.60 -5.93
CA CYS A 219 -6.59 2.16 -5.12
C CYS A 219 -7.62 3.29 -5.02
N MET A 220 -8.90 2.95 -5.23
CA MET A 220 -9.98 3.92 -5.12
C MET A 220 -11.12 3.31 -4.31
N LYS A 221 -12.01 4.16 -3.83
CA LYS A 221 -13.13 3.76 -2.98
C LYS A 221 -14.28 3.33 -3.87
N MET A 222 -15.01 2.29 -3.45
CA MET A 222 -16.13 1.77 -4.22
C MET A 222 -17.30 2.75 -4.17
N ASN A 223 -18.01 2.87 -5.30
CA ASN A 223 -19.15 3.75 -5.42
C ASN A 223 -20.32 3.20 -4.61
N LYS A 224 -21.46 3.89 -4.69
CA LYS A 224 -22.67 3.51 -3.96
C LYS A 224 -23.26 2.23 -4.58
N GLU A 225 -22.91 1.96 -5.84
CA GLU A 225 -23.32 0.73 -6.51
C GLU A 225 -22.42 -0.42 -6.04
N GLY A 226 -21.12 -0.15 -5.94
CA GLY A 226 -20.11 -1.15 -5.65
C GLY A 226 -19.13 -1.32 -6.80
N MET A 227 -18.79 -0.19 -7.45
CA MET A 227 -17.96 -0.18 -8.65
C MET A 227 -17.19 1.14 -8.67
N VAL A 228 -16.46 1.40 -9.76
CA VAL A 228 -15.68 2.63 -9.89
C VAL A 228 -15.78 3.15 -11.31
N ARG A 229 -16.12 4.44 -11.44
CA ARG A 229 -16.21 5.12 -12.73
C ARG A 229 -14.94 5.95 -12.94
N CYS A 230 -13.96 5.38 -13.65
CA CYS A 230 -12.69 6.04 -13.89
C CYS A 230 -12.32 5.94 -15.37
N ASP A 231 -11.78 7.06 -15.90
CA ASP A 231 -11.17 7.08 -17.22
C ASP A 231 -9.74 7.62 -17.10
N PRO A 237 -0.45 -2.77 -16.49
CA PRO A 237 0.02 -2.74 -17.86
C PRO A 237 -0.44 -3.99 -18.61
N ASP A 238 -0.05 -5.16 -18.09
CA ASP A 238 -0.54 -6.45 -18.56
C ASP A 238 -1.61 -6.98 -17.61
N TYR A 239 -1.78 -6.30 -16.46
CA TYR A 239 -2.74 -6.70 -15.45
C TYR A 239 -4.06 -5.97 -15.66
N ILE A 240 -4.19 -5.29 -16.81
CA ILE A 240 -5.41 -4.59 -17.18
C ILE A 240 -6.38 -5.60 -17.79
N SER A 241 -7.60 -5.66 -17.24
CA SER A 241 -8.65 -6.50 -17.76
C SER A 241 -9.33 -5.80 -18.93
N PRO A 242 -10.04 -6.54 -19.83
CA PRO A 242 -10.89 -5.92 -20.86
C PRO A 242 -11.88 -4.92 -20.29
N GLU A 243 -12.31 -5.17 -19.05
CA GLU A 243 -13.17 -4.27 -18.29
C GLU A 243 -12.61 -2.85 -18.29
N VAL A 244 -11.34 -2.71 -17.88
CA VAL A 244 -10.71 -1.41 -17.69
C VAL A 244 -10.22 -0.86 -19.03
N LEU A 245 -9.87 -1.76 -19.96
CA LEU A 245 -9.21 -1.38 -21.21
C LEU A 245 -10.21 -0.70 -22.14
N LYS A 246 -11.47 -1.15 -22.12
CA LYS A 246 -12.53 -0.55 -22.92
C LYS A 246 -12.79 0.90 -22.46
N TYR A 254 -15.57 0.33 -13.71
CA TYR A 254 -14.60 -0.74 -13.34
C TYR A 254 -14.98 -1.27 -11.95
N GLY A 255 -15.35 -2.55 -11.87
CA GLY A 255 -15.88 -3.15 -10.65
C GLY A 255 -14.86 -4.02 -9.94
N ARG A 256 -15.36 -4.95 -9.11
CA ARG A 256 -14.54 -5.83 -8.29
C ARG A 256 -13.93 -6.94 -9.16
N GLU A 257 -14.54 -7.21 -10.32
CA GLU A 257 -14.07 -8.19 -11.27
C GLU A 257 -12.64 -7.85 -11.71
N CYS A 258 -12.36 -6.55 -11.83
CA CYS A 258 -11.05 -6.03 -12.19
C CYS A 258 -9.92 -6.77 -11.46
N ASP A 259 -10.11 -7.03 -10.16
CA ASP A 259 -9.06 -7.55 -9.31
C ASP A 259 -8.85 -9.04 -9.55
N TRP A 260 -9.94 -9.77 -9.84
CA TRP A 260 -9.86 -11.21 -10.02
C TRP A 260 -9.07 -11.59 -11.27
N TRP A 261 -9.05 -10.68 -12.25
CA TRP A 261 -8.27 -10.85 -13.47
C TRP A 261 -6.78 -10.95 -13.16
N SER A 262 -6.30 -10.06 -12.27
CA SER A 262 -4.87 -9.94 -11.99
C SER A 262 -4.39 -11.08 -11.10
N VAL A 263 -5.32 -11.83 -10.49
CA VAL A 263 -4.99 -13.02 -9.72
C VAL A 263 -4.81 -14.20 -10.68
N GLY A 264 -5.68 -14.28 -11.70
CA GLY A 264 -5.56 -15.29 -12.73
C GLY A 264 -4.25 -15.17 -13.50
N VAL A 265 -3.83 -13.92 -13.74
CA VAL A 265 -2.50 -13.63 -14.27
C VAL A 265 -1.47 -14.21 -13.32
N PHE A 266 -1.53 -13.77 -12.06
CA PHE A 266 -0.56 -14.17 -11.05
C PHE A 266 -0.34 -15.68 -11.08
N LEU A 267 -1.44 -16.44 -11.06
CA LEU A 267 -1.38 -17.89 -10.98
C LEU A 267 -0.69 -18.46 -12.22
N TYR A 268 -0.99 -17.87 -13.38
CA TYR A 268 -0.41 -18.30 -14.65
C TYR A 268 1.12 -18.11 -14.64
N GLU A 269 1.58 -17.03 -14.00
CA GLU A 269 3.00 -16.70 -13.96
C GLU A 269 3.78 -17.73 -13.14
N MET A 270 3.18 -18.20 -12.04
CA MET A 270 3.87 -19.10 -11.14
C MET A 270 4.13 -20.46 -11.81
N LEU A 271 3.19 -20.87 -12.67
CA LEU A 271 3.18 -22.22 -13.23
C LEU A 271 3.88 -22.24 -14.59
N VAL A 272 3.52 -21.29 -15.47
CA VAL A 272 4.06 -21.24 -16.82
C VAL A 272 5.45 -20.59 -16.79
N GLY A 273 5.64 -19.61 -15.91
CA GLY A 273 6.88 -18.88 -15.83
C GLY A 273 6.98 -17.80 -16.90
N ASP A 274 5.83 -17.22 -17.28
CA ASP A 274 5.77 -16.02 -18.12
C ASP A 274 4.38 -15.43 -18.01
N THR A 275 4.24 -14.15 -18.40
CA THR A 275 2.95 -13.48 -18.42
C THR A 275 2.06 -14.13 -19.47
N PRO A 276 0.72 -14.09 -19.34
CA PRO A 276 -0.17 -14.78 -20.28
C PRO A 276 -0.19 -14.09 -21.63
N PHE A 277 -0.53 -12.80 -21.63
CA PHE A 277 -0.65 -12.00 -22.85
C PHE A 277 0.63 -11.20 -23.03
N TYR A 278 1.48 -11.65 -23.97
CA TYR A 278 2.84 -11.17 -24.10
C TYR A 278 2.85 -9.77 -24.70
N VAL A 283 1.64 -2.29 -25.73
CA VAL A 283 2.04 -1.99 -27.14
C VAL A 283 1.62 -3.15 -28.03
N GLY A 284 0.32 -3.20 -28.34
CA GLY A 284 -0.25 -4.30 -29.11
C GLY A 284 -0.60 -5.49 -28.21
N THR A 285 -0.03 -5.52 -26.99
CA THR A 285 -0.40 -6.48 -25.97
C THR A 285 -1.85 -6.25 -25.55
N TYR A 286 -2.31 -5.00 -25.67
CA TYR A 286 -3.67 -4.62 -25.33
C TYR A 286 -4.67 -5.33 -26.24
N SER A 287 -4.26 -5.65 -27.48
CA SER A 287 -5.12 -6.34 -28.43
C SER A 287 -5.26 -7.82 -28.08
N LYS A 288 -4.22 -8.40 -27.46
CA LYS A 288 -4.27 -9.80 -27.02
C LYS A 288 -5.19 -9.93 -25.81
N ILE A 289 -5.24 -8.90 -24.96
CA ILE A 289 -6.10 -8.88 -23.78
C ILE A 289 -7.57 -8.85 -24.22
N MET A 290 -7.87 -8.04 -25.25
CA MET A 290 -9.23 -7.91 -25.76
C MET A 290 -9.68 -9.24 -26.36
N ASN A 291 -8.82 -9.85 -27.18
CA ASN A 291 -9.07 -11.16 -27.75
C ASN A 291 -8.58 -12.22 -26.76
N HIS A 292 -9.26 -12.29 -25.62
CA HIS A 292 -8.89 -13.21 -24.54
C HIS A 292 -9.33 -14.63 -24.89
N LYS A 293 -10.28 -14.75 -25.83
CA LYS A 293 -10.86 -16.03 -26.20
C LYS A 293 -9.92 -16.81 -27.13
N ASN A 294 -9.15 -16.10 -27.96
CA ASN A 294 -8.33 -16.71 -28.98
C ASN A 294 -6.85 -16.39 -28.77
N SER A 295 -6.41 -16.40 -27.50
CA SER A 295 -5.00 -16.19 -27.20
C SER A 295 -4.62 -16.82 -25.86
N LEU A 296 -5.43 -17.77 -25.35
CA LEU A 296 -5.12 -18.46 -24.11
C LEU A 296 -4.32 -19.72 -24.45
N THR A 297 -2.99 -19.56 -24.49
CA THR A 297 -2.08 -20.63 -24.84
C THR A 297 -1.32 -21.08 -23.61
N PHE A 298 -1.02 -22.38 -23.53
CA PHE A 298 -0.18 -22.95 -22.49
C PHE A 298 1.03 -23.59 -23.16
N PRO A 299 2.12 -23.89 -22.42
CA PRO A 299 3.30 -24.53 -23.01
C PRO A 299 3.02 -25.94 -23.54
N ASP A 300 4.04 -26.52 -24.19
CA ASP A 300 3.92 -27.82 -24.84
C ASP A 300 3.79 -28.91 -23.77
N ASP A 301 4.73 -28.92 -22.82
CA ASP A 301 4.68 -29.84 -21.69
C ASP A 301 3.96 -29.15 -20.53
N ASN A 302 2.62 -29.05 -20.66
CA ASN A 302 1.80 -28.46 -19.62
C ASN A 302 1.47 -29.55 -18.59
N ASP A 303 2.46 -29.91 -17.77
CA ASP A 303 2.26 -30.79 -16.63
C ASP A 303 1.47 -30.04 -15.56
N ILE A 304 1.24 -28.74 -15.79
CA ILE A 304 0.20 -27.97 -15.10
C ILE A 304 -1.08 -28.80 -15.08
N SER A 305 -1.62 -29.05 -13.87
CA SER A 305 -2.81 -29.86 -13.74
C SER A 305 -4.00 -29.18 -14.39
N LYS A 306 -5.04 -29.97 -14.68
CA LYS A 306 -6.25 -29.47 -15.32
C LYS A 306 -7.04 -28.62 -14.32
N GLU A 307 -6.77 -28.82 -13.03
CA GLU A 307 -7.40 -28.04 -11.97
C GLU A 307 -6.96 -26.58 -12.06
N ALA A 308 -5.66 -26.37 -12.33
CA ALA A 308 -5.09 -25.03 -12.42
C ALA A 308 -5.53 -24.37 -13.73
N LYS A 309 -5.38 -25.10 -14.85
CA LYS A 309 -5.73 -24.60 -16.16
C LYS A 309 -7.20 -24.17 -16.17
N ASN A 310 -8.03 -24.88 -15.38
CA ASN A 310 -9.44 -24.56 -15.25
C ASN A 310 -9.61 -23.19 -14.58
N LEU A 311 -8.94 -23.03 -13.42
CA LEU A 311 -9.09 -21.83 -12.60
C LEU A 311 -8.55 -20.61 -13.35
N ILE A 312 -7.40 -20.77 -14.01
CA ILE A 312 -6.75 -19.67 -14.69
C ILE A 312 -7.65 -19.16 -15.82
N CYS A 313 -8.33 -20.09 -16.50
CA CYS A 313 -9.22 -19.74 -17.60
C CYS A 313 -10.51 -19.11 -17.06
N ALA A 314 -10.92 -19.51 -15.86
CA ALA A 314 -12.13 -18.99 -15.23
C ALA A 314 -11.95 -17.52 -14.87
N PHE A 315 -10.75 -17.13 -14.43
CA PHE A 315 -10.42 -15.74 -14.15
C PHE A 315 -10.25 -14.97 -15.45
N LEU A 316 -9.37 -15.47 -16.32
CA LEU A 316 -9.01 -14.78 -17.54
C LEU A 316 -10.06 -15.04 -18.62
N THR A 317 -11.17 -14.30 -18.51
CA THR A 317 -12.23 -14.31 -19.50
C THR A 317 -13.02 -13.00 -19.37
N ASP A 318 -14.03 -12.82 -20.23
CA ASP A 318 -14.74 -11.56 -20.31
C ASP A 318 -15.39 -11.23 -18.97
N ARG A 319 -15.54 -9.93 -18.70
CA ARG A 319 -15.94 -9.41 -17.39
C ARG A 319 -17.29 -9.97 -16.94
N GLU A 320 -18.19 -10.21 -17.89
CA GLU A 320 -19.53 -10.69 -17.60
C GLU A 320 -19.46 -12.06 -16.92
N VAL A 321 -18.71 -12.98 -17.54
CA VAL A 321 -18.69 -14.37 -17.13
C VAL A 321 -17.56 -14.63 -16.13
N ARG A 322 -16.64 -13.67 -15.98
CA ARG A 322 -15.47 -13.81 -15.12
C ARG A 322 -15.91 -14.24 -13.72
N LEU A 323 -15.19 -15.21 -13.14
CA LEU A 323 -15.51 -15.78 -11.85
C LEU A 323 -15.35 -14.72 -10.76
N GLY A 324 -16.24 -14.75 -9.77
CA GLY A 324 -16.20 -13.83 -8.65
C GLY A 324 -17.29 -12.76 -8.72
N ARG A 325 -17.97 -12.67 -9.88
CA ARG A 325 -18.99 -11.67 -10.08
C ARG A 325 -20.12 -11.86 -9.08
N ASN A 326 -20.45 -13.13 -8.77
CA ASN A 326 -21.49 -13.44 -7.80
C ASN A 326 -20.96 -13.24 -6.38
N GLY A 327 -19.76 -13.78 -6.10
CA GLY A 327 -19.15 -13.63 -4.80
C GLY A 327 -17.81 -14.35 -4.69
N VAL A 328 -17.09 -14.08 -3.60
CA VAL A 328 -15.80 -14.67 -3.34
C VAL A 328 -15.96 -16.17 -3.05
N GLU A 329 -17.14 -16.57 -2.58
CA GLU A 329 -17.37 -17.93 -2.14
C GLU A 329 -17.34 -18.91 -3.31
N GLU A 330 -17.62 -18.41 -4.52
CA GLU A 330 -17.47 -19.19 -5.74
C GLU A 330 -16.03 -19.73 -5.84
N ILE A 331 -15.07 -18.85 -5.57
CA ILE A 331 -13.66 -19.14 -5.80
C ILE A 331 -13.18 -20.22 -4.82
N LYS A 332 -13.70 -20.19 -3.59
CA LYS A 332 -13.26 -21.10 -2.55
C LYS A 332 -13.77 -22.52 -2.82
N ARG A 333 -14.91 -22.63 -3.53
CA ARG A 333 -15.50 -23.92 -3.86
C ARG A 333 -14.59 -24.69 -4.80
N HIS A 334 -13.80 -23.97 -5.62
CA HIS A 334 -13.00 -24.57 -6.67
C HIS A 334 -12.10 -25.66 -6.08
N LEU A 335 -12.02 -26.80 -6.77
CA LEU A 335 -11.30 -27.97 -6.29
C LEU A 335 -9.78 -27.73 -6.33
N PHE A 336 -9.35 -26.68 -7.04
CA PHE A 336 -7.93 -26.36 -7.13
C PHE A 336 -7.37 -26.10 -5.73
N PHE A 337 -8.23 -25.57 -4.84
CA PHE A 337 -7.86 -25.28 -3.46
C PHE A 337 -8.08 -26.49 -2.57
N LYS A 338 -9.00 -27.39 -2.95
CA LYS A 338 -9.35 -28.53 -2.13
C LYS A 338 -8.12 -29.41 -1.88
N ASN A 339 -7.56 -29.28 -0.68
CA ASN A 339 -6.38 -30.02 -0.27
C ASN A 339 -6.68 -30.68 1.08
N ASP A 340 -5.64 -31.29 1.67
CA ASP A 340 -5.77 -32.00 2.93
C ASP A 340 -5.13 -31.19 4.05
N GLN A 341 -4.03 -30.50 3.74
CA GLN A 341 -3.21 -29.81 4.72
C GLN A 341 -4.03 -28.76 5.48
N TRP A 342 -4.74 -27.90 4.75
CA TRP A 342 -5.40 -26.75 5.36
C TRP A 342 -6.83 -26.58 4.86
N ALA A 343 -7.60 -25.80 5.62
CA ALA A 343 -8.88 -25.25 5.19
C ALA A 343 -8.84 -23.73 5.42
N TRP A 344 -9.74 -23.02 4.75
CA TRP A 344 -9.62 -21.57 4.57
C TRP A 344 -9.43 -20.85 5.91
N GLU A 345 -10.14 -21.29 6.95
CA GLU A 345 -10.09 -20.65 8.25
C GLU A 345 -8.79 -20.99 8.96
N THR A 346 -8.26 -22.20 8.69
CA THR A 346 -7.03 -22.66 9.31
C THR A 346 -5.82 -22.34 8.43
N LEU A 347 -6.02 -21.54 7.38
CA LEU A 347 -5.01 -21.36 6.34
C LEU A 347 -3.76 -20.69 6.91
N ARG A 348 -3.95 -19.59 7.65
CA ARG A 348 -2.83 -18.80 8.13
C ARG A 348 -2.19 -19.46 9.35
N ASP A 349 -2.85 -20.50 9.90
CA ASP A 349 -2.37 -21.18 11.09
C ASP A 349 -1.45 -22.35 10.72
N THR A 350 -1.49 -22.80 9.45
CA THR A 350 -0.70 -23.93 9.01
C THR A 350 0.74 -23.49 8.75
N VAL A 351 1.59 -24.47 8.43
CA VAL A 351 2.96 -24.22 8.07
C VAL A 351 2.97 -23.65 6.66
N ALA A 352 3.94 -22.76 6.39
CA ALA A 352 4.08 -22.13 5.10
C ALA A 352 5.06 -22.91 4.24
N PRO A 353 4.94 -22.85 2.89
CA PRO A 353 5.88 -23.53 1.99
C PRO A 353 7.32 -23.07 2.16
N VAL A 354 7.51 -21.77 2.34
CA VAL A 354 8.84 -21.19 2.50
C VAL A 354 8.85 -20.36 3.78
N VAL A 355 9.48 -20.91 4.82
CA VAL A 355 9.66 -20.21 6.09
C VAL A 355 11.06 -19.59 6.09
N PRO A 356 11.18 -18.26 6.02
CA PRO A 356 12.50 -17.62 5.96
C PRO A 356 13.29 -17.82 7.25
N ASP A 357 14.46 -18.46 7.11
CA ASP A 357 15.36 -18.69 8.23
C ASP A 357 16.37 -17.54 8.30
N LEU A 358 16.16 -16.64 9.26
CA LEU A 358 16.98 -15.45 9.42
C LEU A 358 17.70 -15.50 10.77
N SER A 359 18.92 -14.96 10.81
CA SER A 359 19.76 -15.00 11.99
C SER A 359 19.39 -13.84 12.93
N SER A 360 19.72 -12.62 12.49
CA SER A 360 19.45 -11.42 13.27
C SER A 360 18.01 -10.97 13.03
N ASP A 361 17.56 -9.98 13.82
CA ASP A 361 16.25 -9.39 13.67
C ASP A 361 16.29 -8.23 12.67
N ILE A 362 17.45 -8.03 12.04
CA ILE A 362 17.64 -6.99 11.04
C ILE A 362 18.10 -7.62 9.73
N ASP A 363 17.79 -8.91 9.56
CA ASP A 363 18.30 -9.68 8.43
C ASP A 363 17.49 -9.33 7.18
N THR A 364 18.19 -8.85 6.15
CA THR A 364 17.57 -8.45 4.90
C THR A 364 18.06 -9.36 3.78
N SER A 365 18.21 -10.65 4.08
CA SER A 365 18.80 -11.61 3.16
C SER A 365 17.85 -11.88 2.00
N ASN A 366 16.54 -11.90 2.30
CA ASN A 366 15.53 -12.13 1.28
C ASN A 366 15.41 -10.89 0.40
N PHE A 367 15.64 -9.72 1.00
CA PHE A 367 15.56 -8.46 0.28
C PHE A 367 16.82 -8.24 -0.57
N ASP A 368 16.65 -7.43 -1.61
CA ASP A 368 17.75 -7.01 -2.47
C ASP A 368 18.56 -5.96 -1.72
N ASP A 369 19.84 -5.83 -2.08
CA ASP A 369 20.72 -4.83 -1.50
C ASP A 369 20.84 -3.64 -2.46
N LEU A 370 20.15 -2.54 -2.13
CA LEU A 370 20.21 -1.33 -2.92
C LEU A 370 21.22 -0.38 -2.29
N GLU A 371 21.60 0.66 -3.04
CA GLU A 371 22.59 1.62 -2.59
C GLU A 371 21.91 2.62 -1.65
N GLU A 372 22.71 3.29 -0.82
CA GLU A 372 22.22 4.34 0.07
C GLU A 372 22.01 5.62 -0.71
N ASP A 373 21.33 6.59 -0.07
CA ASP A 373 20.82 7.78 -0.74
C ASP A 373 21.91 8.43 -1.59
N LYS A 374 22.98 8.90 -0.94
CA LYS A 374 24.13 9.49 -1.61
C LYS A 374 23.68 10.49 -2.67
N GLY A 375 22.84 11.44 -2.26
CA GLY A 375 22.27 12.42 -3.17
C GLY A 375 21.92 13.72 -2.47
N GLU A 376 22.28 14.85 -3.09
CA GLU A 376 21.90 16.16 -2.63
C GLU A 376 20.40 16.34 -2.85
N GLU A 377 19.66 16.59 -1.75
CA GLU A 377 18.21 16.71 -1.80
C GLU A 377 17.83 18.05 -2.41
N GLU A 378 16.90 18.02 -3.37
CA GLU A 378 16.42 19.23 -4.03
C GLU A 378 15.35 19.88 -3.16
N THR A 379 15.23 21.21 -3.25
CA THR A 379 14.31 21.97 -2.43
C THR A 379 13.54 22.95 -3.32
N PHE A 380 12.47 23.50 -2.76
CA PHE A 380 11.67 24.52 -3.44
C PHE A 380 12.45 25.83 -3.43
N PRO A 381 12.24 26.72 -4.42
CA PRO A 381 12.78 28.08 -4.35
C PRO A 381 12.00 28.88 -3.31
N ILE A 382 12.72 29.73 -2.56
CA ILE A 382 12.11 30.52 -1.50
C ILE A 382 11.10 31.48 -2.13
N PRO A 383 9.80 31.41 -1.76
CA PRO A 383 8.76 32.19 -2.44
C PRO A 383 8.69 33.65 -2.01
N LYS A 384 8.01 34.46 -2.83
CA LYS A 384 7.76 35.86 -2.54
C LYS A 384 6.30 36.07 -2.14
N ALA A 385 5.43 35.12 -2.52
CA ALA A 385 4.02 35.13 -2.13
C ALA A 385 3.67 33.76 -1.53
N PHE A 386 2.44 33.64 -1.00
CA PHE A 386 2.02 32.41 -0.36
C PHE A 386 1.93 31.31 -1.41
N VAL A 387 2.78 30.29 -1.27
CA VAL A 387 2.89 29.22 -2.24
C VAL A 387 1.96 28.08 -1.82
N GLY A 388 2.02 27.68 -0.54
CA GLY A 388 1.16 26.65 0.01
C GLY A 388 1.54 25.26 -0.47
N ASN A 389 2.84 24.94 -0.42
CA ASN A 389 3.34 23.67 -0.92
C ASN A 389 3.10 22.55 0.09
N GLN A 390 2.98 22.91 1.37
CA GLN A 390 2.78 21.94 2.44
C GLN A 390 1.29 21.68 2.66
N LEU A 391 0.44 22.50 2.04
CA LEU A 391 -0.99 22.50 2.29
C LEU A 391 -1.66 21.19 1.87
N PRO A 392 -1.30 20.56 0.73
CA PRO A 392 -1.94 19.31 0.32
C PRO A 392 -1.64 18.09 1.18
N PHE A 393 -0.66 18.22 2.10
CA PHE A 393 -0.23 17.10 2.93
C PHE A 393 -0.84 17.16 4.33
N VAL A 394 -1.74 18.14 4.56
CA VAL A 394 -2.32 18.35 5.87
C VAL A 394 -3.31 17.23 6.17
N GLY A 395 -3.13 16.58 7.34
CA GLY A 395 -4.05 15.55 7.81
C GLY A 395 -3.47 14.15 7.68
N PHE A 396 -2.19 14.06 7.31
CA PHE A 396 -1.56 12.78 6.99
C PHE A 396 -1.17 12.04 8.27
N THR A 397 -0.69 12.78 9.28
CA THR A 397 -0.09 12.19 10.46
C THR A 397 -1.10 11.26 11.15
N TYR A 398 -0.59 10.20 11.78
CA TYR A 398 -1.40 9.22 12.47
C TYR A 398 -0.56 8.54 13.55
N TYR A 399 -1.14 8.40 14.75
CA TYR A 399 -0.53 7.65 15.85
C TYR A 399 -1.45 6.49 16.23
N SER A 400 -0.85 5.35 16.56
CA SER A 400 -1.60 4.17 16.97
C SER A 400 -1.44 3.95 18.47
N ASN A 401 -1.77 4.98 19.26
CA ASN A 401 -1.78 4.90 20.71
C ASN A 401 -0.41 4.42 21.21
#